data_1TYW
#
_entry.id   1TYW
#
_cell.length_a   120.900
_cell.length_b   120.900
_cell.length_c   120.900
_cell.angle_alpha   90.00
_cell.angle_beta   90.00
_cell.angle_gamma   90.00
#
_symmetry.space_group_name_H-M   'P 21 3'
#
loop_
_entity.id
_entity.type
_entity.pdbx_description
1 polymer 'TAILSPIKE PROTEIN'
2 branched alpha-D-galactopyranose-(1-2)-[alpha-D-Tyvelopyranose-(1-3)]alpha-D-mannopyranose-(1-4)-alpha-L-rhamnopyranose-(1-3)-[alpha-D-glucopyranose-(1-4)]alpha-D-galactopyranose-(1-2)-[alpha-D-Tyvelopyranose-(1-3)]alpha-D-mannopyranose-(1-4)-alpha-L-rhamnopyranose
3 water water
#
_entity_poly.entity_id   1
_entity_poly.type   'polypeptide(L)'
_entity_poly.pdbx_seq_one_letter_code
;YSIEADKKFKYSVKLSDYPTLQDAASAAVDGLLIDRDYNFYGGETVDFGGKVLTIECKAKFIGDGNLIFTKLGKGSRIAG
VFMESTTTPWVIKPWTDDNQWLTDAAAVVATLKQSKTDGYQPTVSDYVKFPGIETLLPPNAKGQNITSTLEIRECIGVEV
HRASGLMAGFLFRGCHFCKMVDANNPSGGKDGIITFENLSGDWGKGNYVIGGRTSYGSVSSAQFLRNNGGFERDGGVIGF
TSYRAGESGVKTWQGTVGSTTSRNYNLQFRDSVVIYPVWDGFDLGADTDMNPELDRPGDYPITQYPLHQLPLNHLIDNLL
VRGALGVGFGMDGKGMYVSNITVEDCAGSGAYLLTHESVFTNIAIIDTNTKDFQANQIYISGACRVNGLRLIGIRSTDGQ
GLTIDAPNSTVSGITGMVDPSRINVANLAEEGLGNIRANSFGYDSAAIKLRIHKLSKTLDSGALYSHINGGAGSGSAYTQ
LTAISGSTPDAVSLKVNHKDCRGAEIPFVPDIASDDFIKDSSCFLPYWENNSTSLKALVKKPNGELVRLTLATL
;
_entity_poly.pdbx_strand_id   A
#
# COMPACT_ATOMS: atom_id res chain seq x y z
N TYR A 1 17.42 31.29 54.23
CA TYR A 1 17.80 30.34 53.19
C TYR A 1 16.61 29.74 52.44
N SER A 2 15.51 29.46 53.14
CA SER A 2 14.34 28.90 52.50
C SER A 2 13.81 29.82 51.41
N ILE A 3 13.87 31.12 51.65
CA ILE A 3 13.42 32.14 50.71
C ILE A 3 14.27 32.04 49.44
N GLU A 4 15.57 31.93 49.68
CA GLU A 4 16.56 31.83 48.64
C GLU A 4 16.42 30.52 47.89
N ALA A 5 16.35 29.41 48.62
CA ALA A 5 16.23 28.09 48.03
C ALA A 5 14.99 28.01 47.14
N ASP A 6 13.87 28.56 47.64
CA ASP A 6 12.62 28.56 46.90
C ASP A 6 12.73 29.28 45.57
N LYS A 7 13.67 30.22 45.48
CA LYS A 7 13.85 30.97 44.25
C LYS A 7 14.94 30.46 43.32
N LYS A 8 15.84 29.62 43.81
CA LYS A 8 16.92 29.18 42.96
C LYS A 8 16.93 27.74 42.51
N PHE A 9 15.98 26.96 42.98
CA PHE A 9 15.90 25.55 42.62
C PHE A 9 14.73 25.18 41.74
N LYS A 10 14.96 24.18 40.88
CA LYS A 10 13.98 23.63 39.95
C LYS A 10 12.96 22.80 40.76
N TYR A 11 11.67 23.05 40.54
CA TYR A 11 10.62 22.33 41.25
C TYR A 11 10.27 21.01 40.60
N SER A 12 10.23 19.96 41.41
CA SER A 12 9.88 18.62 40.95
C SER A 12 9.48 17.74 42.13
N VAL A 13 8.38 17.01 41.99
CA VAL A 13 7.97 16.07 43.04
C VAL A 13 8.22 14.70 42.43
N LYS A 14 8.41 13.69 43.28
CA LYS A 14 8.68 12.36 42.81
C LYS A 14 7.73 11.38 43.46
N LEU A 15 7.23 10.45 42.65
CA LEU A 15 6.27 9.44 43.07
C LEU A 15 6.67 8.67 44.33
N SER A 16 7.97 8.47 44.54
CA SER A 16 8.43 7.73 45.71
C SER A 16 8.02 8.36 47.05
N ASP A 17 7.59 9.62 47.00
CA ASP A 17 7.19 10.35 48.21
C ASP A 17 5.69 10.29 48.45
N TYR A 18 4.95 9.66 47.54
CA TYR A 18 3.49 9.60 47.69
C TYR A 18 2.91 8.22 47.57
N PRO A 19 1.77 8.01 48.25
CA PRO A 19 1.11 6.70 48.21
C PRO A 19 0.37 6.47 46.89
N THR A 20 -0.15 7.54 46.29
CA THR A 20 -0.87 7.39 45.04
C THR A 20 -0.37 8.40 43.99
N LEU A 21 -0.69 8.15 42.73
CA LEU A 21 -0.30 9.02 41.65
C LEU A 21 -1.05 10.36 41.76
N GLN A 22 -2.31 10.33 42.19
CA GLN A 22 -3.08 11.56 42.35
C GLN A 22 -2.43 12.46 43.39
N ASP A 23 -1.93 11.87 44.48
CA ASP A 23 -1.28 12.68 45.51
C ASP A 23 -0.06 13.40 44.93
N ALA A 24 0.70 12.68 44.12
CA ALA A 24 1.86 13.25 43.45
C ALA A 24 1.43 14.37 42.50
N ALA A 25 0.38 14.12 41.72
CA ALA A 25 -0.15 15.10 40.77
C ALA A 25 -0.61 16.37 41.46
N SER A 26 -1.26 16.23 42.61
CA SER A 26 -1.74 17.39 43.35
C SER A 26 -0.61 18.26 43.89
N ALA A 27 0.51 17.63 44.25
CA ALA A 27 1.66 18.35 44.78
C ALA A 27 2.53 18.99 43.70
N ALA A 28 2.48 18.44 42.49
CA ALA A 28 3.30 18.91 41.40
C ALA A 28 3.09 20.36 40.98
N VAL A 29 4.18 21.02 40.62
CA VAL A 29 4.16 22.42 40.21
C VAL A 29 4.77 22.60 38.82
N ASP A 30 5.89 21.92 38.58
CA ASP A 30 6.61 22.04 37.32
C ASP A 30 6.92 20.62 36.85
N GLY A 31 7.83 19.96 37.53
CA GLY A 31 8.19 18.60 37.13
C GLY A 31 7.58 17.55 38.01
N LEU A 32 7.44 16.36 37.45
CA LEU A 32 6.94 15.18 38.14
C LEU A 32 7.77 13.99 37.67
N LEU A 33 8.49 13.39 38.62
CA LEU A 33 9.36 12.25 38.33
C LEU A 33 8.74 10.93 38.78
N ILE A 34 8.61 9.99 37.85
CA ILE A 34 8.07 8.67 38.16
C ILE A 34 9.31 7.85 38.42
N ASP A 35 9.65 7.71 39.70
CA ASP A 35 10.85 7.01 40.11
C ASP A 35 10.68 5.65 40.77
N ARG A 36 9.44 5.16 40.81
CA ARG A 36 9.19 3.84 41.37
C ARG A 36 8.06 3.24 40.55
N ASP A 37 8.08 1.92 40.40
CA ASP A 37 7.03 1.24 39.64
C ASP A 37 5.73 1.52 40.33
N TYR A 38 4.68 1.67 39.54
CA TYR A 38 3.39 1.97 40.09
C TYR A 38 2.33 1.05 39.51
N ASN A 39 1.68 0.29 40.40
CA ASN A 39 0.63 -0.61 39.97
C ASN A 39 -0.68 0.16 39.99
N PHE A 40 -1.34 0.27 38.84
CA PHE A 40 -2.59 0.98 38.80
C PHE A 40 -3.72 -0.01 38.57
N TYR A 41 -4.94 0.38 38.95
CA TYR A 41 -6.10 -0.46 38.70
C TYR A 41 -6.79 0.10 37.46
N GLY A 42 -7.44 -0.76 36.69
CA GLY A 42 -8.13 -0.33 35.48
C GLY A 42 -9.14 0.75 35.73
N GLY A 43 -8.97 1.87 35.04
CA GLY A 43 -9.89 2.99 35.22
C GLY A 43 -9.38 4.02 36.21
N GLU A 44 -8.21 3.80 36.80
CA GLU A 44 -7.66 4.76 37.74
C GLU A 44 -7.49 6.10 37.01
N THR A 45 -8.07 7.17 37.55
CA THR A 45 -8.05 8.48 36.91
C THR A 45 -7.28 9.52 37.68
N VAL A 46 -6.42 10.26 36.99
CA VAL A 46 -5.60 11.28 37.65
C VAL A 46 -5.94 12.65 37.05
N ASP A 47 -6.20 13.60 37.94
CA ASP A 47 -6.56 14.96 37.55
C ASP A 47 -5.33 15.85 37.81
N PHE A 48 -4.79 16.44 36.75
CA PHE A 48 -3.59 17.27 36.87
C PHE A 48 -3.86 18.75 37.09
N GLY A 49 -5.10 19.07 37.43
CA GLY A 49 -5.51 20.43 37.72
C GLY A 49 -5.19 21.52 36.72
N GLY A 50 -5.07 21.14 35.44
CA GLY A 50 -4.76 22.10 34.39
C GLY A 50 -3.33 22.60 34.41
N LYS A 51 -2.47 21.97 35.22
CA LYS A 51 -1.07 22.39 35.30
C LYS A 51 -0.24 21.96 34.10
N VAL A 52 0.69 22.81 33.68
CA VAL A 52 1.59 22.50 32.57
C VAL A 52 2.79 21.78 33.19
N LEU A 53 2.74 20.45 33.16
CA LEU A 53 3.78 19.66 33.78
C LEU A 53 4.71 18.94 32.82
N THR A 54 5.92 18.68 33.30
CA THR A 54 6.91 17.93 32.55
C THR A 54 7.07 16.63 33.35
N ILE A 55 6.47 15.55 32.86
CA ILE A 55 6.53 14.28 33.55
C ILE A 55 7.64 13.39 32.98
N GLU A 56 8.63 13.11 33.82
CA GLU A 56 9.76 12.29 33.42
C GLU A 56 9.62 10.91 34.05
N CYS A 57 9.53 9.88 33.22
CA CYS A 57 9.37 8.51 33.72
C CYS A 57 10.65 7.72 33.73
N LYS A 58 10.97 7.15 34.88
CA LYS A 58 12.16 6.33 35.03
C LYS A 58 11.76 5.02 35.70
N ALA A 59 10.47 4.70 35.63
CA ALA A 59 9.94 3.47 36.18
C ALA A 59 8.69 3.12 35.39
N LYS A 60 8.06 1.98 35.71
CA LYS A 60 6.89 1.50 35.00
C LYS A 60 5.53 1.74 35.65
N PHE A 61 4.51 1.74 34.79
CA PHE A 61 3.11 1.83 35.19
C PHE A 61 2.67 0.39 34.89
N ILE A 62 2.31 -0.35 35.93
CA ILE A 62 1.93 -1.75 35.78
C ILE A 62 0.46 -2.01 36.06
N GLY A 63 -0.22 -2.62 35.09
CA GLY A 63 -1.63 -2.93 35.27
C GLY A 63 -2.33 -3.30 33.98
N ASP A 64 -3.41 -4.05 34.10
CA ASP A 64 -4.22 -4.42 32.95
C ASP A 64 -5.26 -3.30 32.91
N GLY A 65 -5.64 -2.85 31.72
CA GLY A 65 -6.63 -1.80 31.67
C GLY A 65 -6.07 -0.40 31.46
N ASN A 66 -6.90 0.61 31.69
CA ASN A 66 -6.51 2.00 31.45
C ASN A 66 -6.14 2.84 32.64
N LEU A 67 -5.03 3.56 32.48
CA LEU A 67 -4.56 4.54 33.46
C LEU A 67 -4.94 5.85 32.72
N ILE A 68 -5.85 6.61 33.30
CA ILE A 68 -6.40 7.80 32.69
C ILE A 68 -5.84 9.12 33.23
N PHE A 69 -5.20 9.90 32.36
CA PHE A 69 -4.62 11.21 32.70
C PHE A 69 -5.58 12.26 32.16
N THR A 70 -6.03 13.17 33.02
CA THR A 70 -6.95 14.21 32.58
C THR A 70 -6.46 15.56 33.07
N LYS A 71 -6.99 16.61 32.45
CA LYS A 71 -6.68 18.00 32.83
C LYS A 71 -5.21 18.36 32.92
N LEU A 72 -4.45 17.98 31.90
CA LEU A 72 -3.06 18.34 31.81
C LEU A 72 -3.09 19.64 31.02
N GLY A 73 -2.29 20.61 31.44
CA GLY A 73 -2.25 21.90 30.76
C GLY A 73 -1.61 21.84 29.40
N LYS A 74 -1.99 22.76 28.52
CA LYS A 74 -1.45 22.82 27.18
C LYS A 74 0.06 23.04 27.31
N GLY A 75 0.84 22.20 26.65
CA GLY A 75 2.29 22.32 26.73
C GLY A 75 2.91 21.23 27.59
N SER A 76 2.09 20.40 28.22
CA SER A 76 2.60 19.31 29.06
C SER A 76 3.29 18.23 28.21
N ARG A 77 4.33 17.61 28.78
CA ARG A 77 5.10 16.55 28.10
C ARG A 77 5.28 15.38 29.03
N ILE A 78 5.19 14.18 28.47
CA ILE A 78 5.37 12.95 29.22
C ILE A 78 6.49 12.25 28.45
N ALA A 79 7.58 11.94 29.14
CA ALA A 79 8.72 11.32 28.49
C ALA A 79 9.16 10.01 29.14
N GLY A 80 9.41 9.01 28.28
CA GLY A 80 9.89 7.73 28.74
C GLY A 80 8.93 6.81 29.45
N VAL A 81 7.63 7.06 29.34
CA VAL A 81 6.61 6.24 29.98
C VAL A 81 6.69 4.78 29.48
N PHE A 82 6.53 3.84 30.41
CA PHE A 82 6.60 2.41 30.11
C PHE A 82 5.38 1.73 30.71
N MET A 83 4.52 1.19 29.84
CA MET A 83 3.30 0.49 30.27
C MET A 83 3.53 -1.02 30.20
N GLU A 84 3.05 -1.76 31.19
CA GLU A 84 3.20 -3.20 31.18
C GLU A 84 2.01 -3.84 31.86
N SER A 85 1.44 -4.86 31.23
CA SER A 85 0.29 -5.55 31.79
C SER A 85 0.67 -6.40 33.00
N THR A 86 -0.31 -6.76 33.82
CA THR A 86 0.00 -7.65 34.94
C THR A 86 -0.20 -9.09 34.41
N THR A 87 -1.07 -9.24 33.43
CA THR A 87 -1.35 -10.56 32.86
C THR A 87 -0.42 -10.91 31.71
N THR A 88 -0.02 -12.18 31.66
CA THR A 88 0.79 -12.70 30.56
C THR A 88 -0.21 -13.55 29.74
N PRO A 89 -0.68 -13.03 28.62
CA PRO A 89 -1.65 -13.78 27.82
C PRO A 89 -1.06 -14.84 26.90
N TRP A 90 -1.96 -15.59 26.27
CA TRP A 90 -1.61 -16.61 25.29
C TRP A 90 -1.50 -15.88 23.95
N VAL A 91 -0.36 -16.01 23.29
CA VAL A 91 -0.15 -15.36 22.00
C VAL A 91 0.23 -16.35 20.88
N ILE A 92 -0.16 -16.01 19.65
CA ILE A 92 0.18 -16.81 18.47
C ILE A 92 1.31 -16.06 17.75
N LYS A 93 2.10 -16.80 16.99
CA LYS A 93 3.22 -16.24 16.26
C LYS A 93 3.22 -16.89 14.88
N PRO A 94 2.43 -16.33 13.93
CA PRO A 94 2.25 -16.80 12.55
C PRO A 94 3.43 -16.69 11.56
N TRP A 95 4.66 -16.92 12.02
CA TRP A 95 5.82 -16.87 11.13
C TRP A 95 6.88 -17.84 11.63
N THR A 96 7.74 -18.30 10.73
CA THR A 96 8.79 -19.27 11.07
C THR A 96 10.13 -18.63 11.43
N ASP A 97 11.09 -19.48 11.80
CA ASP A 97 12.45 -19.05 12.15
C ASP A 97 13.18 -18.51 10.94
N ASP A 98 12.63 -18.72 9.75
CA ASP A 98 13.25 -18.19 8.54
C ASP A 98 12.40 -17.02 8.10
N ASN A 99 11.53 -16.57 8.98
CA ASN A 99 10.66 -15.45 8.68
C ASN A 99 9.68 -15.69 7.52
N GLN A 100 9.19 -16.91 7.41
CA GLN A 100 8.18 -17.22 6.39
C GLN A 100 6.84 -17.15 7.13
N TRP A 101 5.80 -16.67 6.46
CA TRP A 101 4.49 -16.57 7.07
C TRP A 101 3.87 -17.95 7.12
N LEU A 102 3.13 -18.25 8.19
CA LEU A 102 2.40 -19.51 8.33
C LEU A 102 0.98 -19.11 7.95
N THR A 103 0.33 -19.87 7.07
CA THR A 103 -1.03 -19.52 6.67
C THR A 103 -2.05 -20.62 7.05
N ASP A 104 -1.51 -21.76 7.45
CA ASP A 104 -2.31 -22.91 7.84
C ASP A 104 -2.73 -22.77 9.31
N ALA A 105 -4.04 -22.84 9.58
CA ALA A 105 -4.57 -22.71 10.94
C ALA A 105 -3.92 -23.64 11.97
N ALA A 106 -3.77 -24.92 11.62
CA ALA A 106 -3.16 -25.90 12.52
C ALA A 106 -1.71 -25.54 12.85
N ALA A 107 -0.97 -25.01 11.86
CA ALA A 107 0.42 -24.62 12.09
C ALA A 107 0.48 -23.39 13.02
N VAL A 108 -0.47 -22.47 12.86
CA VAL A 108 -0.52 -21.26 13.70
C VAL A 108 -0.90 -21.61 15.15
N VAL A 109 -1.86 -22.51 15.32
CA VAL A 109 -2.29 -22.90 16.65
C VAL A 109 -1.13 -23.55 17.40
N ALA A 110 -0.28 -24.24 16.67
CA ALA A 110 0.89 -24.90 17.24
C ALA A 110 1.90 -23.91 17.82
N THR A 111 1.80 -22.62 17.45
CA THR A 111 2.76 -21.62 17.97
C THR A 111 2.38 -20.98 19.31
N LEU A 112 1.19 -21.32 19.80
CA LEU A 112 0.66 -20.77 21.05
C LEU A 112 1.63 -20.87 22.25
N LYS A 113 1.81 -19.75 22.94
CA LYS A 113 2.68 -19.68 24.12
C LYS A 113 2.20 -18.53 24.99
N GLN A 114 2.59 -18.56 26.26
CA GLN A 114 2.25 -17.46 27.15
C GLN A 114 3.41 -16.50 27.16
N SER A 115 3.18 -15.30 26.66
CA SER A 115 4.23 -14.30 26.60
C SER A 115 3.60 -12.93 26.45
N LYS A 116 4.37 -11.90 26.83
CA LYS A 116 3.93 -10.51 26.72
C LYS A 116 4.45 -9.90 25.43
N THR A 117 5.12 -10.69 24.60
CA THR A 117 5.67 -10.16 23.34
C THR A 117 5.95 -11.30 22.37
N ASP A 118 6.56 -10.99 21.22
CA ASP A 118 6.88 -11.95 20.17
C ASP A 118 5.64 -12.77 19.71
N GLY A 119 4.56 -12.05 19.46
CA GLY A 119 3.32 -12.65 19.04
C GLY A 119 2.19 -11.74 19.49
N TYR A 120 0.95 -12.16 19.25
CA TYR A 120 -0.19 -11.36 19.66
C TYR A 120 -1.41 -12.22 20.03
N GLN A 121 -2.31 -11.64 20.80
CA GLN A 121 -3.53 -12.31 21.22
C GLN A 121 -4.47 -12.41 20.01
N PRO A 122 -4.98 -13.62 19.70
CA PRO A 122 -5.88 -13.79 18.56
C PRO A 122 -7.15 -12.93 18.69
N THR A 123 -7.64 -12.43 17.56
CA THR A 123 -8.85 -11.61 17.52
C THR A 123 -9.80 -12.28 16.54
N VAL A 124 -10.99 -11.70 16.39
CA VAL A 124 -11.99 -12.22 15.45
C VAL A 124 -11.50 -12.11 14.00
N SER A 125 -10.63 -11.14 13.71
CA SER A 125 -10.09 -10.98 12.36
C SER A 125 -9.21 -12.18 11.99
N ASP A 126 -8.58 -12.79 12.98
CA ASP A 126 -7.76 -13.98 12.72
C ASP A 126 -8.60 -15.16 12.23
N TYR A 127 -9.87 -15.18 12.61
CA TYR A 127 -10.78 -16.25 12.19
C TYR A 127 -10.96 -16.22 10.68
N VAL A 128 -10.82 -15.03 10.11
CA VAL A 128 -10.94 -14.81 8.68
C VAL A 128 -9.58 -15.02 7.99
N LYS A 129 -8.53 -14.48 8.60
CA LYS A 129 -7.17 -14.57 8.08
C LYS A 129 -6.65 -16.01 7.99
N PHE A 130 -6.90 -16.83 9.02
CA PHE A 130 -6.45 -18.21 9.07
C PHE A 130 -7.70 -19.08 9.20
N PRO A 131 -8.39 -19.34 8.09
CA PRO A 131 -9.62 -20.14 8.08
C PRO A 131 -9.58 -21.47 8.85
N GLY A 132 -10.51 -21.60 9.78
CA GLY A 132 -10.61 -22.79 10.60
C GLY A 132 -9.93 -22.65 11.95
N ILE A 133 -9.19 -21.56 12.15
CA ILE A 133 -8.49 -21.36 13.41
C ILE A 133 -9.47 -21.20 14.58
N GLU A 134 -10.66 -20.67 14.29
CA GLU A 134 -11.64 -20.46 15.34
C GLU A 134 -11.98 -21.75 16.07
N THR A 135 -12.05 -22.84 15.33
CA THR A 135 -12.41 -24.13 15.93
C THR A 135 -11.22 -24.87 16.51
N LEU A 136 -10.01 -24.49 16.12
CA LEU A 136 -8.81 -25.14 16.63
C LEU A 136 -8.23 -24.51 17.89
N LEU A 137 -8.44 -23.21 18.06
CA LEU A 137 -7.92 -22.52 19.23
C LEU A 137 -8.56 -23.01 20.51
N PRO A 138 -7.75 -23.22 21.57
CA PRO A 138 -8.31 -23.67 22.85
C PRO A 138 -9.04 -22.46 23.44
N PRO A 139 -10.08 -22.70 24.27
CA PRO A 139 -10.84 -21.59 24.86
C PRO A 139 -10.06 -20.53 25.63
N ASN A 140 -8.96 -20.90 26.27
CA ASN A 140 -8.22 -19.87 26.99
C ASN A 140 -7.40 -18.93 26.07
N ALA A 141 -7.38 -19.22 24.76
CA ALA A 141 -6.65 -18.40 23.81
C ALA A 141 -7.60 -17.49 23.03
N LYS A 142 -8.90 -17.66 23.22
CA LYS A 142 -9.91 -16.86 22.52
C LYS A 142 -10.52 -15.78 23.41
N GLY A 143 -10.85 -14.63 22.82
CA GLY A 143 -11.46 -13.54 23.55
C GLY A 143 -10.63 -12.88 24.66
N GLN A 144 -9.31 -12.95 24.57
CA GLN A 144 -8.45 -12.30 25.57
C GLN A 144 -8.48 -10.81 25.32
N ASN A 145 -8.31 -10.01 26.36
CA ASN A 145 -8.36 -8.57 26.18
C ASN A 145 -7.32 -7.84 27.02
N ILE A 146 -6.07 -8.23 26.89
CA ILE A 146 -5.01 -7.63 27.68
C ILE A 146 -4.26 -6.48 27.00
N THR A 147 -4.36 -5.30 27.60
CA THR A 147 -3.63 -4.13 27.13
C THR A 147 -3.43 -3.26 28.36
N SER A 148 -2.23 -2.72 28.54
CA SER A 148 -1.92 -1.78 29.63
C SER A 148 -1.93 -0.45 28.86
N THR A 149 -2.99 0.33 29.03
CA THR A 149 -3.16 1.55 28.27
C THR A 149 -3.07 2.85 29.01
N LEU A 150 -2.28 3.77 28.46
CA LEU A 150 -2.18 5.11 29.01
C LEU A 150 -3.20 5.91 28.19
N GLU A 151 -4.25 6.38 28.84
CA GLU A 151 -5.27 7.14 28.17
C GLU A 151 -5.18 8.62 28.54
N ILE A 152 -4.96 9.48 27.55
CA ILE A 152 -4.92 10.93 27.76
C ILE A 152 -6.33 11.34 27.33
N ARG A 153 -7.10 11.89 28.25
CA ARG A 153 -8.47 12.22 27.92
C ARG A 153 -8.78 13.71 27.85
N GLU A 154 -9.33 14.11 26.70
CA GLU A 154 -9.73 15.49 26.44
C GLU A 154 -8.71 16.55 26.81
N CYS A 155 -7.50 16.39 26.32
CA CYS A 155 -6.45 17.35 26.59
C CYS A 155 -6.04 18.00 25.25
N ILE A 156 -5.38 19.15 25.33
CA ILE A 156 -4.92 19.88 24.16
C ILE A 156 -3.46 20.22 24.36
N GLY A 157 -2.68 20.00 23.31
CA GLY A 157 -1.26 20.30 23.36
C GLY A 157 -0.42 19.47 24.30
N VAL A 158 -0.68 18.17 24.39
CA VAL A 158 0.10 17.27 25.25
C VAL A 158 0.92 16.36 24.34
N GLU A 159 2.21 16.21 24.66
CA GLU A 159 3.05 15.34 23.85
C GLU A 159 3.64 14.21 24.67
N VAL A 160 3.65 13.01 24.09
CA VAL A 160 4.18 11.83 24.74
C VAL A 160 5.41 11.45 23.93
N HIS A 161 6.57 11.45 24.59
CA HIS A 161 7.86 11.19 23.95
C HIS A 161 8.53 9.92 24.42
N ARG A 162 9.13 9.20 23.48
CA ARG A 162 9.90 8.00 23.77
C ARG A 162 9.19 6.98 24.65
N ALA A 163 7.93 6.74 24.38
CA ALA A 163 7.13 5.80 25.15
C ALA A 163 7.47 4.36 24.75
N SER A 164 7.34 3.44 25.70
CA SER A 164 7.57 2.02 25.41
C SER A 164 6.67 1.12 26.28
N GLY A 165 6.91 -0.18 26.25
CA GLY A 165 6.12 -1.08 27.06
C GLY A 165 5.97 -2.47 26.52
N LEU A 166 5.21 -3.28 27.25
CA LEU A 166 4.92 -4.68 26.91
C LEU A 166 3.40 -4.82 27.04
N MET A 167 2.75 -5.26 25.97
CA MET A 167 1.28 -5.37 25.93
C MET A 167 0.74 -3.97 26.20
N ALA A 168 1.43 -2.98 25.63
CA ALA A 168 1.14 -1.56 25.82
C ALA A 168 0.27 -0.88 24.76
N GLY A 169 -0.50 0.11 25.20
CA GLY A 169 -1.35 0.87 24.30
C GLY A 169 -1.34 2.34 24.74
N PHE A 170 -1.55 3.24 23.78
CA PHE A 170 -1.59 4.68 24.05
C PHE A 170 -2.80 5.23 23.35
N LEU A 171 -3.74 5.73 24.13
CA LEU A 171 -4.98 6.26 23.62
C LEU A 171 -5.22 7.74 23.93
N PHE A 172 -5.37 8.54 22.88
CA PHE A 172 -5.68 9.96 23.00
C PHE A 172 -7.17 10.02 22.69
N ARG A 173 -7.97 10.27 23.72
CA ARG A 173 -9.42 10.31 23.57
C ARG A 173 -9.93 11.74 23.63
N GLY A 174 -10.51 12.22 22.52
CA GLY A 174 -11.03 13.58 22.49
C GLY A 174 -9.96 14.65 22.61
N CYS A 175 -8.75 14.33 22.16
CA CYS A 175 -7.63 15.27 22.23
C CYS A 175 -7.42 16.05 20.94
N HIS A 176 -6.73 17.18 21.03
CA HIS A 176 -6.39 17.99 19.87
C HIS A 176 -4.99 18.52 20.09
N PHE A 177 -4.24 18.64 18.99
CA PHE A 177 -2.88 19.15 19.02
C PHE A 177 -1.94 18.33 19.92
N CYS A 178 -2.16 17.02 19.93
CA CYS A 178 -1.34 16.10 20.70
C CYS A 178 -0.47 15.30 19.76
N LYS A 179 0.68 14.86 20.25
CA LYS A 179 1.62 14.11 19.43
C LYS A 179 2.20 12.93 20.18
N MET A 180 2.48 11.87 19.44
CA MET A 180 3.13 10.67 19.97
C MET A 180 4.45 10.77 19.20
N VAL A 181 5.50 11.15 19.93
CA VAL A 181 6.80 11.38 19.33
C VAL A 181 7.91 10.38 19.71
N ASP A 182 8.62 9.90 18.70
CA ASP A 182 9.71 8.96 18.89
C ASP A 182 9.38 7.75 19.77
N ALA A 183 8.23 7.12 19.52
CA ALA A 183 7.82 5.92 20.28
C ALA A 183 9.02 4.98 20.26
N ASN A 184 9.43 4.55 21.44
CA ASN A 184 10.58 3.69 21.58
C ASN A 184 10.24 2.20 21.51
N ASN A 185 9.70 1.78 20.38
CA ASN A 185 9.35 0.40 20.14
C ASN A 185 8.48 -0.34 21.17
N PRO A 186 7.34 0.25 21.56
CA PRO A 186 6.50 -0.47 22.52
C PRO A 186 5.97 -1.73 21.83
N SER A 187 5.85 -2.81 22.58
CA SER A 187 5.32 -4.08 22.07
C SER A 187 3.81 -4.02 22.43
N GLY A 188 2.96 -4.06 21.42
CA GLY A 188 1.52 -3.91 21.62
C GLY A 188 0.71 -4.98 22.31
N GLY A 189 -0.48 -4.57 22.75
CA GLY A 189 -1.42 -5.45 23.40
C GLY A 189 -2.60 -5.78 22.50
N LYS A 190 -3.77 -5.97 23.08
CA LYS A 190 -4.97 -6.33 22.31
C LYS A 190 -5.51 -5.17 21.45
N ASP A 191 -5.46 -3.95 21.99
CA ASP A 191 -5.95 -2.77 21.25
C ASP A 191 -4.87 -2.09 20.42
N GLY A 192 -5.25 -1.08 19.64
CA GLY A 192 -4.30 -0.35 18.82
C GLY A 192 -3.16 0.20 19.67
N ILE A 193 -1.94 0.21 19.13
CA ILE A 193 -0.83 0.73 19.92
C ILE A 193 -0.90 2.25 20.12
N ILE A 194 -1.23 3.00 19.05
CA ILE A 194 -1.37 4.45 19.14
C ILE A 194 -2.68 4.78 18.47
N THR A 195 -3.60 5.34 19.26
CA THR A 195 -4.93 5.68 18.77
C THR A 195 -5.35 7.12 19.05
N PHE A 196 -5.84 7.80 18.03
CA PHE A 196 -6.36 9.16 18.20
C PHE A 196 -7.86 8.99 17.90
N GLU A 197 -8.65 8.94 18.97
CA GLU A 197 -10.09 8.74 18.84
C GLU A 197 -10.83 10.04 19.18
N ASN A 198 -11.58 10.56 18.21
CA ASN A 198 -12.35 11.80 18.39
C ASN A 198 -13.80 11.65 17.97
N LEU A 199 -14.44 10.63 18.52
CA LEU A 199 -15.83 10.33 18.21
C LEU A 199 -16.80 11.34 18.81
N SER A 200 -16.43 11.94 19.94
CA SER A 200 -17.26 12.94 20.61
C SER A 200 -16.53 14.27 20.55
N GLY A 201 -17.30 15.33 20.57
CA GLY A 201 -16.73 16.66 20.52
C GLY A 201 -16.37 17.00 19.09
N ASP A 202 -15.42 17.90 18.93
CA ASP A 202 -15.01 18.31 17.60
C ASP A 202 -14.17 17.27 16.91
N TRP A 203 -14.08 17.40 15.60
CA TRP A 203 -13.24 16.49 14.81
C TRP A 203 -11.81 16.71 15.31
N GLY A 204 -11.06 15.62 15.48
CA GLY A 204 -9.69 15.74 15.94
C GLY A 204 -8.84 16.53 14.94
N LYS A 205 -7.96 17.38 15.46
CA LYS A 205 -7.07 18.19 14.65
C LYS A 205 -5.73 18.38 15.37
N GLY A 206 -4.65 18.43 14.59
CA GLY A 206 -3.31 18.62 15.15
C GLY A 206 -2.71 17.40 15.82
N ASN A 207 -3.31 16.23 15.58
CA ASN A 207 -2.81 15.00 16.19
C ASN A 207 -1.85 14.27 15.28
N TYR A 208 -0.64 14.01 15.77
CA TYR A 208 0.40 13.34 14.99
C TYR A 208 1.12 12.20 15.66
N VAL A 209 1.66 11.32 14.81
CA VAL A 209 2.57 10.25 15.20
C VAL A 209 3.82 10.71 14.42
N ILE A 210 4.85 11.13 15.15
CA ILE A 210 6.08 11.61 14.53
C ILE A 210 7.26 10.75 14.94
N GLY A 211 7.90 10.11 13.97
CA GLY A 211 9.04 9.26 14.24
C GLY A 211 8.74 8.00 15.04
N GLY A 212 9.81 7.32 15.45
CA GLY A 212 9.67 6.12 16.25
C GLY A 212 9.19 4.86 15.55
N ARG A 213 8.89 3.86 16.38
CA ARG A 213 8.45 2.58 15.86
C ARG A 213 7.68 1.80 16.91
N THR A 214 6.94 0.80 16.43
CA THR A 214 6.17 -0.08 17.30
C THR A 214 6.35 -1.51 16.77
N SER A 215 6.08 -2.49 17.63
CA SER A 215 6.16 -3.89 17.26
C SER A 215 4.97 -4.63 17.81
N TYR A 216 4.54 -5.64 17.05
CA TYR A 216 3.42 -6.51 17.42
C TYR A 216 2.09 -5.80 17.62
N GLY A 217 1.28 -6.28 18.58
CA GLY A 217 -0.05 -5.75 18.82
C GLY A 217 -1.05 -6.60 18.03
N SER A 218 -2.25 -6.79 18.56
CA SER A 218 -3.27 -7.60 17.88
C SER A 218 -3.95 -6.88 16.72
N VAL A 219 -4.04 -5.57 16.78
CA VAL A 219 -4.67 -4.80 15.72
C VAL A 219 -3.70 -3.78 15.10
N SER A 220 -4.19 -2.61 14.69
CA SER A 220 -3.31 -1.62 14.04
C SER A 220 -2.33 -0.85 14.94
N SER A 221 -1.15 -0.54 14.38
CA SER A 221 -0.10 0.17 15.11
C SER A 221 -0.49 1.61 15.41
N ALA A 222 -0.90 2.34 14.39
CA ALA A 222 -1.31 3.72 14.55
C ALA A 222 -2.66 3.86 13.86
N GLN A 223 -3.65 4.42 14.53
CA GLN A 223 -4.96 4.53 13.92
C GLN A 223 -5.68 5.81 14.32
N PHE A 224 -6.52 6.31 13.42
CA PHE A 224 -7.27 7.56 13.64
C PHE A 224 -8.76 7.35 13.43
N LEU A 225 -9.56 8.03 14.25
CA LEU A 225 -11.02 7.98 14.16
C LEU A 225 -11.54 9.42 14.25
N ARG A 226 -12.27 9.85 13.21
CA ARG A 226 -12.88 11.18 13.15
C ARG A 226 -11.93 12.38 13.34
N ASN A 227 -10.84 12.36 12.58
CA ASN A 227 -9.87 13.45 12.62
C ASN A 227 -9.92 14.11 11.26
N ASN A 228 -9.75 15.43 11.26
CA ASN A 228 -9.74 16.22 10.05
C ASN A 228 -8.65 17.29 10.25
N GLY A 229 -7.57 17.16 9.48
CA GLY A 229 -6.46 18.10 9.59
C GLY A 229 -6.68 19.44 8.94
N GLY A 230 -7.82 19.62 8.29
CA GLY A 230 -8.12 20.88 7.62
C GLY A 230 -7.25 21.06 6.38
N PHE A 231 -7.41 22.18 5.68
CA PHE A 231 -6.63 22.43 4.46
C PHE A 231 -5.13 22.42 4.78
N GLU A 232 -4.81 22.84 6.00
CA GLU A 232 -3.43 22.89 6.46
C GLU A 232 -2.81 21.49 6.69
N ARG A 233 -3.61 20.43 6.55
CA ARG A 233 -3.16 19.04 6.75
C ARG A 233 -2.43 18.94 8.09
N ASP A 234 -3.07 19.45 9.14
CA ASP A 234 -2.49 19.46 10.47
C ASP A 234 -2.82 18.15 11.19
N GLY A 235 -2.02 17.12 10.93
CA GLY A 235 -2.23 15.83 11.58
C GLY A 235 -1.76 14.69 10.69
N GLY A 236 -1.57 13.51 11.26
CA GLY A 236 -1.15 12.39 10.46
C GLY A 236 0.04 11.64 11.00
N VAL A 237 0.70 10.92 10.11
CA VAL A 237 1.84 10.08 10.45
C VAL A 237 3.04 10.44 9.57
N ILE A 238 4.16 10.78 10.20
CA ILE A 238 5.38 11.16 9.48
C ILE A 238 6.60 10.50 10.12
N GLY A 239 7.41 9.86 9.30
CA GLY A 239 8.63 9.22 9.80
C GLY A 239 8.49 8.06 10.74
N PHE A 240 7.39 7.33 10.63
CA PHE A 240 7.06 6.21 11.52
C PHE A 240 7.36 4.83 10.93
N THR A 241 7.70 3.87 11.79
CA THR A 241 7.94 2.50 11.38
C THR A 241 7.05 1.55 12.21
N SER A 242 6.34 0.66 11.50
CA SER A 242 5.51 -0.34 12.17
C SER A 242 5.99 -1.74 11.79
N TYR A 243 6.21 -2.59 12.78
CA TYR A 243 6.63 -3.96 12.53
C TYR A 243 5.60 -4.95 13.07
N ARG A 244 5.24 -5.93 12.24
CA ARG A 244 4.33 -7.03 12.59
C ARG A 244 3.01 -6.66 13.27
N ALA A 245 2.29 -5.69 12.72
CA ALA A 245 0.99 -5.33 13.27
C ALA A 245 0.05 -6.52 13.07
N GLY A 246 -0.78 -6.81 14.08
CA GLY A 246 -1.75 -7.89 14.00
C GLY A 246 -2.78 -7.57 12.92
N GLU A 247 -2.99 -6.29 12.66
CA GLU A 247 -3.89 -5.89 11.59
C GLU A 247 -3.06 -5.07 10.61
N SER A 248 -3.16 -3.74 10.65
CA SER A 248 -2.44 -2.88 9.72
C SER A 248 -1.44 -1.93 10.37
N GLY A 249 -0.44 -1.52 9.61
CA GLY A 249 0.56 -0.62 10.16
C GLY A 249 -0.03 0.74 10.49
N VAL A 250 -0.70 1.34 9.51
CA VAL A 250 -1.33 2.64 9.68
C VAL A 250 -2.77 2.53 9.14
N LYS A 251 -3.73 2.95 9.94
CA LYS A 251 -5.14 2.85 9.56
C LYS A 251 -6.02 4.06 9.85
N THR A 252 -6.79 4.48 8.84
CA THR A 252 -7.79 5.55 9.03
C THR A 252 -9.07 4.71 9.03
N TRP A 253 -9.84 4.78 10.11
CA TRP A 253 -11.05 3.97 10.24
C TRP A 253 -12.11 4.20 9.19
N GLN A 254 -12.93 3.17 8.97
CA GLN A 254 -14.01 3.22 8.00
C GLN A 254 -15.35 3.00 8.69
N GLY A 255 -16.40 3.55 8.12
CA GLY A 255 -17.73 3.33 8.65
C GLY A 255 -18.14 4.04 9.92
N THR A 256 -19.26 3.59 10.45
CA THR A 256 -19.84 4.15 11.66
C THR A 256 -19.34 3.43 12.90
N VAL A 257 -18.91 4.20 13.90
CA VAL A 257 -18.49 3.64 15.17
C VAL A 257 -19.35 4.37 16.20
N GLY A 258 -20.16 3.60 16.91
CA GLY A 258 -21.05 4.18 17.89
C GLY A 258 -22.21 4.67 17.04
N SER A 259 -22.48 5.97 17.08
CA SER A 259 -23.57 6.52 16.30
C SER A 259 -23.05 7.60 15.35
N THR A 260 -21.73 7.62 15.14
CA THR A 260 -21.17 8.62 14.25
C THR A 260 -20.08 8.05 13.36
N THR A 261 -19.58 8.90 12.47
CA THR A 261 -18.54 8.54 11.52
C THR A 261 -17.16 8.42 12.21
N SER A 262 -16.38 7.42 11.79
CA SER A 262 -15.03 7.23 12.31
C SER A 262 -14.00 7.64 11.24
N ARG A 263 -14.50 8.17 10.12
CA ARG A 263 -13.67 8.55 8.99
C ARG A 263 -12.72 9.71 9.23
N ASN A 264 -11.76 9.89 8.32
CA ASN A 264 -10.75 10.93 8.50
C ASN A 264 -10.49 11.67 7.21
N TYR A 265 -10.15 12.94 7.32
CA TYR A 265 -9.89 13.80 6.17
C TYR A 265 -8.65 14.64 6.37
N ASN A 266 -8.04 15.06 5.27
CA ASN A 266 -6.91 16.00 5.33
C ASN A 266 -5.73 15.71 6.24
N LEU A 267 -5.30 14.45 6.27
CA LEU A 267 -4.17 14.07 7.09
C LEU A 267 -2.95 13.81 6.21
N GLN A 268 -1.77 13.82 6.81
CA GLN A 268 -0.54 13.54 6.08
C GLN A 268 -0.09 12.12 6.40
N PHE A 269 0.41 11.40 5.39
CA PHE A 269 0.96 10.06 5.57
C PHE A 269 2.22 10.10 4.72
N ARG A 270 3.36 10.38 5.35
CA ARG A 270 4.60 10.53 4.62
C ARG A 270 5.81 9.92 5.29
N ASP A 271 6.82 9.62 4.50
CA ASP A 271 8.10 9.12 4.98
C ASP A 271 7.98 8.02 6.02
N SER A 272 7.06 7.08 5.82
CA SER A 272 6.83 6.02 6.76
C SER A 272 7.03 4.64 6.14
N VAL A 273 7.28 3.68 7.01
CA VAL A 273 7.57 2.31 6.63
C VAL A 273 6.72 1.33 7.43
N VAL A 274 6.16 0.35 6.72
CA VAL A 274 5.39 -0.69 7.37
C VAL A 274 5.93 -2.04 6.87
N ILE A 275 6.41 -2.85 7.80
CA ILE A 275 6.96 -4.16 7.49
C ILE A 275 6.25 -5.30 8.23
N TYR A 276 5.97 -6.35 7.49
CA TYR A 276 5.32 -7.57 7.98
C TYR A 276 3.97 -7.47 8.71
N PRO A 277 3.01 -6.66 8.18
CA PRO A 277 1.73 -6.60 8.89
C PRO A 277 0.96 -7.88 8.52
N VAL A 278 0.13 -8.37 9.43
CA VAL A 278 -0.67 -9.56 9.15
C VAL A 278 -1.75 -9.20 8.12
N TRP A 279 -2.25 -7.98 8.22
CA TRP A 279 -3.22 -7.50 7.24
C TRP A 279 -2.56 -6.50 6.30
N ASP A 280 -2.87 -5.21 6.41
CA ASP A 280 -2.35 -4.25 5.45
C ASP A 280 -1.21 -3.34 5.91
N GLY A 281 -0.44 -2.83 4.95
CA GLY A 281 0.63 -1.91 5.30
C GLY A 281 -0.02 -0.60 5.71
N PHE A 282 -0.68 0.06 4.75
CA PHE A 282 -1.40 1.30 4.99
C PHE A 282 -2.83 1.08 4.53
N ASP A 283 -3.78 1.25 5.45
CA ASP A 283 -5.19 1.11 5.16
C ASP A 283 -5.74 2.53 5.26
N LEU A 284 -5.81 3.23 4.14
CA LEU A 284 -6.27 4.61 4.11
C LEU A 284 -7.66 4.82 3.51
N GLY A 285 -8.49 3.76 3.57
CA GLY A 285 -9.85 3.84 3.05
C GLY A 285 -10.77 4.47 4.08
N ALA A 286 -11.93 4.92 3.64
CA ALA A 286 -12.90 5.56 4.54
C ALA A 286 -14.23 4.82 4.54
N ASP A 287 -14.55 4.12 3.44
CA ASP A 287 -15.79 3.37 3.34
C ASP A 287 -15.50 1.88 3.32
N THR A 288 -16.39 1.11 3.92
CA THR A 288 -16.23 -0.34 3.94
C THR A 288 -17.38 -0.98 3.12
N ASP A 295 -26.66 6.32 5.32
CA ASP A 295 -25.53 5.39 5.33
C ASP A 295 -24.31 5.93 6.08
N ARG A 296 -24.13 7.25 6.08
CA ARG A 296 -22.98 7.85 6.77
C ARG A 296 -23.39 8.86 7.83
N PRO A 297 -23.92 8.40 8.96
CA PRO A 297 -24.30 9.37 9.99
C PRO A 297 -23.09 10.19 10.45
N GLY A 298 -23.26 11.51 10.48
CA GLY A 298 -22.20 12.39 10.89
C GLY A 298 -21.20 12.75 9.80
N ASP A 299 -21.46 12.29 8.58
CA ASP A 299 -20.55 12.53 7.47
C ASP A 299 -21.36 12.84 6.19
N TYR A 300 -20.68 12.92 5.04
CA TYR A 300 -21.34 13.20 3.77
C TYR A 300 -22.32 12.07 3.41
N PRO A 301 -23.52 12.42 2.93
CA PRO A 301 -24.48 11.37 2.56
C PRO A 301 -24.07 10.69 1.26
N ILE A 302 -24.46 9.43 1.14
CA ILE A 302 -24.16 8.62 -0.05
C ILE A 302 -24.67 9.29 -1.33
N THR A 303 -25.67 10.15 -1.18
CA THR A 303 -26.26 10.86 -2.31
C THR A 303 -25.33 11.95 -2.80
N GLN A 304 -24.52 12.49 -1.90
CA GLN A 304 -23.56 13.54 -2.25
C GLN A 304 -22.32 12.87 -2.81
N TYR A 305 -21.75 11.94 -2.04
CA TYR A 305 -20.56 11.21 -2.45
C TYR A 305 -20.80 9.72 -2.35
N PRO A 306 -20.84 9.03 -3.49
CA PRO A 306 -21.06 7.58 -3.55
C PRO A 306 -20.02 6.84 -2.73
N LEU A 307 -20.28 5.57 -2.48
CA LEU A 307 -19.37 4.73 -1.71
C LEU A 307 -17.99 4.76 -2.36
N HIS A 308 -16.96 4.86 -1.52
CA HIS A 308 -15.56 4.90 -1.95
C HIS A 308 -15.17 6.17 -2.74
N GLN A 309 -16.04 7.18 -2.71
CA GLN A 309 -15.77 8.42 -3.44
C GLN A 309 -15.74 9.71 -2.63
N LEU A 310 -15.40 9.59 -1.35
CA LEU A 310 -15.29 10.78 -0.50
C LEU A 310 -14.04 11.58 -0.87
N PRO A 311 -14.08 12.91 -0.72
CA PRO A 311 -12.95 13.78 -1.03
C PRO A 311 -12.02 13.81 0.19
N LEU A 312 -11.40 12.67 0.48
CA LEU A 312 -10.52 12.52 1.64
C LEU A 312 -9.38 13.53 1.69
N ASN A 313 -8.78 13.81 0.53
CA ASN A 313 -7.73 14.82 0.44
C ASN A 313 -6.47 14.65 1.26
N HIS A 314 -6.12 13.42 1.62
CA HIS A 314 -4.90 13.19 2.40
C HIS A 314 -3.66 13.53 1.56
N LEU A 315 -2.59 13.96 2.23
CA LEU A 315 -1.32 14.29 1.57
C LEU A 315 -0.49 13.01 1.76
N ILE A 316 -0.33 12.24 0.69
CA ILE A 316 0.34 10.95 0.74
C ILE A 316 1.57 10.91 -0.13
N ASP A 317 2.71 10.60 0.49
CA ASP A 317 3.97 10.61 -0.25
C ASP A 317 5.09 9.88 0.47
N ASN A 318 5.93 9.22 -0.32
CA ASN A 318 7.12 8.55 0.21
C ASN A 318 6.81 7.50 1.28
N LEU A 319 6.19 6.40 0.86
CA LEU A 319 5.85 5.31 1.78
C LEU A 319 6.46 4.02 1.26
N LEU A 320 6.92 3.17 2.18
CA LEU A 320 7.51 1.90 1.83
C LEU A 320 6.81 0.78 2.62
N VAL A 321 6.50 -0.30 1.95
CA VAL A 321 5.87 -1.46 2.59
C VAL A 321 6.58 -2.73 2.12
N ARG A 322 6.90 -3.61 3.05
CA ARG A 322 7.51 -4.89 2.72
C ARG A 322 6.97 -5.99 3.64
N GLY A 323 6.67 -7.14 3.05
CA GLY A 323 6.23 -8.28 3.83
C GLY A 323 4.80 -8.41 4.30
N ALA A 324 3.88 -7.64 3.75
CA ALA A 324 2.48 -7.73 4.17
C ALA A 324 1.85 -9.06 3.75
N LEU A 325 1.10 -9.65 4.68
CA LEU A 325 0.40 -10.90 4.38
C LEU A 325 -0.94 -10.54 3.70
N GLY A 326 -1.40 -9.31 3.92
CA GLY A 326 -2.63 -8.83 3.32
C GLY A 326 -2.26 -7.94 2.15
N VAL A 327 -2.79 -6.73 2.10
CA VAL A 327 -2.51 -5.79 1.01
C VAL A 327 -1.44 -4.77 1.43
N GLY A 328 -0.46 -4.50 0.57
CA GLY A 328 0.57 -3.54 0.94
C GLY A 328 0.04 -2.13 1.15
N PHE A 329 -0.70 -1.63 0.18
CA PHE A 329 -1.23 -0.27 0.20
C PHE A 329 -2.69 -0.25 -0.26
N GLY A 330 -3.61 0.15 0.63
CA GLY A 330 -5.01 0.18 0.29
C GLY A 330 -5.64 1.52 0.57
N MET A 331 -6.58 1.93 -0.27
CA MET A 331 -7.26 3.20 -0.08
C MET A 331 -8.48 3.34 -1.01
N ASP A 332 -9.28 4.35 -0.74
CA ASP A 332 -10.43 4.66 -1.58
C ASP A 332 -10.50 6.19 -1.60
N GLY A 333 -11.48 6.74 -2.30
CA GLY A 333 -11.62 8.18 -2.35
C GLY A 333 -11.62 8.71 -3.78
N LYS A 334 -11.99 9.97 -3.92
CA LYS A 334 -12.03 10.62 -5.22
C LYS A 334 -11.13 11.85 -5.23
N GLY A 335 -10.52 12.15 -6.37
CA GLY A 335 -9.68 13.32 -6.48
C GLY A 335 -8.37 13.30 -5.68
N MET A 336 -7.84 12.11 -5.44
CA MET A 336 -6.61 11.95 -4.68
C MET A 336 -5.33 12.08 -5.54
N TYR A 337 -4.25 12.56 -4.93
CA TYR A 337 -2.94 12.66 -5.58
C TYR A 337 -2.05 11.84 -4.67
N VAL A 338 -1.46 10.79 -5.23
CA VAL A 338 -0.61 9.88 -4.46
C VAL A 338 0.72 9.77 -5.15
N SER A 339 1.81 9.82 -4.39
CA SER A 339 3.10 9.75 -5.01
C SER A 339 4.18 9.01 -4.26
N ASN A 340 5.10 8.45 -5.04
CA ASN A 340 6.29 7.80 -4.52
C ASN A 340 6.01 6.71 -3.50
N ILE A 341 5.34 5.67 -3.96
CA ILE A 341 5.00 4.55 -3.11
C ILE A 341 5.77 3.33 -3.57
N THR A 342 6.45 2.65 -2.65
CA THR A 342 7.21 1.45 -2.97
C THR A 342 6.70 0.29 -2.12
N VAL A 343 6.22 -0.76 -2.77
CA VAL A 343 5.68 -1.95 -2.11
C VAL A 343 6.46 -3.13 -2.68
N GLU A 344 7.04 -3.95 -1.81
CA GLU A 344 7.83 -5.05 -2.31
C GLU A 344 7.78 -6.26 -1.41
N ASP A 345 7.94 -7.42 -2.04
CA ASP A 345 8.01 -8.70 -1.34
C ASP A 345 6.83 -8.92 -0.38
N CYS A 346 5.63 -8.94 -0.95
CA CYS A 346 4.43 -9.13 -0.17
C CYS A 346 3.76 -10.46 -0.54
N ALA A 347 3.40 -11.23 0.49
CA ALA A 347 2.69 -12.50 0.32
C ALA A 347 1.30 -12.12 -0.22
N GLY A 348 0.75 -11.01 0.25
CA GLY A 348 -0.54 -10.55 -0.24
C GLY A 348 -0.39 -9.55 -1.39
N SER A 349 -1.51 -9.02 -1.88
CA SER A 349 -1.61 -8.04 -2.98
C SER A 349 -0.82 -6.74 -2.72
N GLY A 350 -0.25 -6.14 -3.76
CA GLY A 350 0.53 -4.92 -3.57
C GLY A 350 -0.27 -3.67 -3.25
N ALA A 351 -1.29 -3.42 -4.04
CA ALA A 351 -2.12 -2.25 -3.88
C ALA A 351 -3.55 -2.58 -4.29
N TYR A 352 -4.50 -2.10 -3.49
CA TYR A 352 -5.90 -2.32 -3.75
C TYR A 352 -6.49 -0.91 -3.67
N LEU A 353 -6.76 -0.33 -4.83
CA LEU A 353 -7.21 1.05 -4.90
C LEU A 353 -8.63 1.24 -5.40
N LEU A 354 -9.53 1.56 -4.49
CA LEU A 354 -10.93 1.82 -4.85
C LEU A 354 -11.08 3.33 -5.00
N THR A 355 -10.32 3.87 -5.94
CA THR A 355 -10.25 5.30 -6.18
C THR A 355 -10.84 5.70 -7.54
N HIS A 356 -11.25 6.95 -7.65
CA HIS A 356 -11.85 7.49 -8.86
C HIS A 356 -11.30 8.91 -9.04
N GLU A 357 -11.06 9.30 -10.30
CA GLU A 357 -10.55 10.62 -10.62
C GLU A 357 -9.32 10.95 -9.79
N SER A 358 -8.43 9.98 -9.64
CA SER A 358 -7.23 10.14 -8.84
C SER A 358 -5.99 9.92 -9.66
N VAL A 359 -4.87 10.46 -9.21
CA VAL A 359 -3.60 10.37 -9.91
C VAL A 359 -2.56 9.67 -9.05
N PHE A 360 -1.85 8.72 -9.64
CA PHE A 360 -0.79 7.97 -8.95
C PHE A 360 0.49 8.19 -9.73
N THR A 361 1.49 8.74 -9.06
CA THR A 361 2.75 9.05 -9.73
C THR A 361 3.91 8.29 -9.09
N ASN A 362 4.72 7.63 -9.92
CA ASN A 362 5.89 6.90 -9.45
C ASN A 362 5.57 5.83 -8.40
N ILE A 363 4.83 4.82 -8.82
CA ILE A 363 4.44 3.71 -7.97
C ILE A 363 5.29 2.50 -8.35
N ALA A 364 5.81 1.77 -7.36
CA ALA A 364 6.62 0.58 -7.59
C ALA A 364 5.97 -0.58 -6.80
N ILE A 365 5.50 -1.60 -7.52
CA ILE A 365 4.85 -2.78 -6.92
C ILE A 365 5.75 -3.93 -7.38
N ILE A 366 6.60 -4.39 -6.47
CA ILE A 366 7.61 -5.39 -6.78
C ILE A 366 7.47 -6.71 -6.02
N ASP A 367 7.17 -7.79 -6.74
CA ASP A 367 7.00 -9.13 -6.18
C ASP A 367 5.95 -9.20 -5.07
N THR A 368 4.70 -8.97 -5.45
CA THR A 368 3.59 -9.02 -4.49
C THR A 368 2.63 -10.12 -4.95
N ASN A 369 1.63 -10.42 -4.11
CA ASN A 369 0.65 -11.49 -4.36
C ASN A 369 1.38 -12.81 -4.56
N THR A 370 2.47 -13.01 -3.82
CA THR A 370 3.26 -14.22 -3.95
C THR A 370 2.54 -15.50 -3.48
N LYS A 371 1.40 -15.35 -2.82
CA LYS A 371 0.59 -16.48 -2.35
C LYS A 371 -0.79 -16.57 -3.00
N ASP A 372 -1.00 -15.83 -4.09
CA ASP A 372 -2.28 -15.82 -4.81
C ASP A 372 -3.56 -15.63 -4.01
N PHE A 373 -3.48 -14.82 -2.97
CA PHE A 373 -4.65 -14.56 -2.17
C PHE A 373 -5.61 -13.69 -2.96
N GLN A 374 -5.04 -12.78 -3.75
CA GLN A 374 -5.85 -11.91 -4.56
C GLN A 374 -5.79 -12.28 -6.02
N ALA A 375 -6.63 -11.60 -6.78
CA ALA A 375 -6.74 -11.82 -8.21
C ALA A 375 -5.67 -11.04 -8.99
N ASN A 376 -4.95 -10.15 -8.32
CA ASN A 376 -3.95 -9.32 -8.98
C ASN A 376 -2.96 -8.70 -8.01
N GLN A 377 -1.89 -8.12 -8.57
CA GLN A 377 -0.87 -7.44 -7.77
C GLN A 377 -1.30 -6.01 -7.44
N ILE A 378 -1.96 -5.36 -8.40
CA ILE A 378 -2.49 -4.01 -8.20
C ILE A 378 -3.84 -3.91 -8.91
N TYR A 379 -4.83 -3.44 -8.17
CA TYR A 379 -6.19 -3.25 -8.66
C TYR A 379 -6.63 -1.79 -8.48
N ILE A 380 -7.23 -1.22 -9.52
CA ILE A 380 -7.75 0.15 -9.45
C ILE A 380 -9.16 0.07 -10.02
N SER A 381 -10.14 0.48 -9.24
CA SER A 381 -11.53 0.39 -9.71
C SER A 381 -11.99 1.48 -10.66
N GLY A 382 -11.79 2.73 -10.25
CA GLY A 382 -12.28 3.87 -11.02
C GLY A 382 -11.43 4.43 -12.13
N ALA A 383 -11.87 5.58 -12.66
CA ALA A 383 -11.17 6.28 -13.75
C ALA A 383 -10.00 7.06 -13.18
N CYS A 384 -8.83 6.43 -13.18
CA CYS A 384 -7.63 7.03 -12.62
C CYS A 384 -6.49 7.14 -13.63
N ARG A 385 -5.45 7.87 -13.24
CA ARG A 385 -4.28 8.10 -14.06
C ARG A 385 -3.05 7.59 -13.31
N VAL A 386 -2.26 6.76 -13.97
CA VAL A 386 -1.04 6.23 -13.36
C VAL A 386 0.13 6.68 -14.25
N ASN A 387 1.03 7.44 -13.68
CA ASN A 387 2.19 7.96 -14.39
C ASN A 387 3.46 7.42 -13.73
N GLY A 388 3.99 6.35 -14.30
CA GLY A 388 5.18 5.72 -13.75
C GLY A 388 4.78 4.56 -12.86
N LEU A 389 4.91 3.35 -13.38
CA LEU A 389 4.53 2.13 -12.66
C LEU A 389 5.58 1.04 -12.89
N ARG A 390 6.28 0.66 -11.82
CA ARG A 390 7.30 -0.38 -11.93
C ARG A 390 6.71 -1.68 -11.43
N LEU A 391 6.78 -2.71 -12.26
CA LEU A 391 6.25 -4.03 -11.92
C LEU A 391 7.26 -5.14 -12.11
N ILE A 392 7.16 -6.17 -11.27
CA ILE A 392 7.98 -7.37 -11.31
C ILE A 392 9.40 -7.25 -10.80
N GLY A 393 9.72 -8.12 -9.84
CA GLY A 393 11.05 -8.14 -9.29
C GLY A 393 11.72 -9.39 -9.87
N ILE A 394 11.94 -10.38 -9.01
CA ILE A 394 12.59 -11.59 -9.42
C ILE A 394 11.62 -12.78 -9.41
N ARG A 395 10.37 -12.53 -9.03
CA ARG A 395 9.40 -13.62 -8.99
C ARG A 395 8.58 -13.71 -10.27
N SER A 396 -3.90 -15.26 -12.94
CA SER A 396 -3.82 -14.11 -12.04
C SER A 396 -3.20 -12.91 -12.78
N LEU A 402 -3.91 -11.78 -12.79
CA LEU A 402 -3.43 -10.58 -13.46
C LEU A 402 -2.42 -9.84 -12.61
N THR A 403 -1.56 -9.08 -13.27
CA THR A 403 -0.56 -8.29 -12.55
C THR A 403 -1.24 -6.98 -12.18
N ILE A 404 -1.78 -6.28 -13.19
CA ILE A 404 -2.53 -5.07 -12.95
C ILE A 404 -3.90 -5.16 -13.62
N ASP A 405 -4.92 -4.87 -12.84
CA ASP A 405 -6.27 -4.85 -13.35
C ASP A 405 -6.81 -3.47 -12.95
N ALA A 406 -6.84 -2.56 -13.92
CA ALA A 406 -7.29 -1.19 -13.73
C ALA A 406 -8.07 -0.87 -15.01
N PRO A 407 -9.24 -1.49 -15.17
CA PRO A 407 -10.14 -1.38 -16.32
C PRO A 407 -10.51 0.01 -16.81
N ASN A 408 -10.55 0.98 -15.90
CA ASN A 408 -10.95 2.32 -16.28
C ASN A 408 -9.83 3.35 -16.22
N SER A 409 -8.60 2.88 -16.02
CA SER A 409 -7.44 3.76 -15.89
C SER A 409 -6.55 3.86 -17.10
N THR A 410 -5.94 5.03 -17.24
CA THR A 410 -5.02 5.33 -18.33
C THR A 410 -3.64 5.31 -17.69
N VAL A 411 -2.74 4.55 -18.28
CA VAL A 411 -1.41 4.37 -17.71
C VAL A 411 -0.31 4.69 -18.71
N SER A 412 0.82 5.16 -18.19
CA SER A 412 1.99 5.50 -18.99
C SER A 412 3.25 5.20 -18.15
N GLY A 413 4.32 4.74 -18.78
CA GLY A 413 5.55 4.52 -18.04
C GLY A 413 5.75 3.24 -17.22
N ILE A 414 5.27 2.11 -17.70
CA ILE A 414 5.49 0.85 -17.01
C ILE A 414 6.91 0.36 -17.31
N THR A 415 7.62 -0.09 -16.27
CA THR A 415 8.95 -0.66 -16.46
C THR A 415 8.95 -2.01 -15.73
N GLY A 416 9.71 -2.96 -16.27
CA GLY A 416 9.79 -4.28 -15.65
C GLY A 416 9.47 -5.40 -16.61
N MET A 417 9.86 -6.61 -16.19
CA MET A 417 9.66 -7.82 -16.99
C MET A 417 8.23 -8.37 -16.85
N VAL A 418 7.26 -7.53 -17.11
CA VAL A 418 5.86 -7.91 -16.99
C VAL A 418 5.41 -8.80 -18.16
N ASP A 419 4.47 -9.71 -17.89
CA ASP A 419 3.90 -10.57 -18.93
C ASP A 419 2.74 -9.69 -19.44
N PRO A 420 2.80 -9.26 -20.72
CA PRO A 420 1.77 -8.41 -21.31
C PRO A 420 0.34 -8.95 -21.23
N SER A 421 0.20 -10.27 -21.22
CA SER A 421 -1.12 -10.89 -21.16
C SER A 421 -1.77 -10.68 -19.79
N ARG A 422 -0.97 -10.26 -18.81
CA ARG A 422 -1.45 -10.04 -17.46
C ARG A 422 -1.68 -8.56 -17.14
N ILE A 423 -1.80 -7.74 -18.18
CA ILE A 423 -2.07 -6.33 -18.03
C ILE A 423 -3.46 -6.03 -18.56
N ASN A 424 -4.27 -5.34 -17.76
CA ASN A 424 -5.60 -4.91 -18.19
C ASN A 424 -5.82 -3.45 -17.76
N VAL A 425 -5.83 -2.54 -18.73
CA VAL A 425 -6.03 -1.13 -18.44
C VAL A 425 -6.91 -0.59 -19.55
N ALA A 426 -7.39 0.63 -19.38
CA ALA A 426 -8.25 1.27 -20.39
C ALA A 426 -7.41 1.77 -21.57
N ASN A 427 -6.26 2.35 -21.25
CA ASN A 427 -5.39 2.89 -22.26
C ASN A 427 -3.95 2.91 -21.72
N LEU A 428 -3.01 2.53 -22.57
CA LEU A 428 -1.58 2.49 -22.23
C LEU A 428 -0.85 3.22 -23.36
N ALA A 429 -0.05 4.23 -23.01
CA ALA A 429 0.63 5.01 -24.06
C ALA A 429 1.88 5.72 -23.61
N GLU A 430 2.83 5.85 -24.55
CA GLU A 430 4.08 6.59 -24.35
C GLU A 430 4.04 7.63 -25.46
N GLU A 431 3.36 8.73 -25.20
CA GLU A 431 3.20 9.82 -26.17
C GLU A 431 4.43 10.68 -26.43
N GLY A 432 5.30 10.79 -25.42
CA GLY A 432 6.45 11.66 -25.52
C GLY A 432 7.87 11.11 -25.50
N LEU A 433 8.10 9.98 -26.16
CA LEU A 433 9.45 9.42 -26.22
C LEU A 433 10.20 10.14 -27.32
N GLY A 434 11.52 10.10 -27.25
CA GLY A 434 12.32 10.74 -28.29
C GLY A 434 12.67 9.68 -29.32
N ASN A 435 13.76 9.90 -30.05
CA ASN A 435 14.25 8.92 -31.01
C ASN A 435 14.59 7.69 -30.17
N ILE A 436 14.29 6.52 -30.70
CA ILE A 436 14.43 5.26 -29.98
C ILE A 436 15.42 4.26 -30.52
N ARG A 437 16.06 3.52 -29.63
CA ARG A 437 16.94 2.42 -30.02
C ARG A 437 16.55 1.20 -29.17
N ALA A 438 16.27 0.09 -29.85
CA ALA A 438 15.94 -1.16 -29.20
C ALA A 438 17.24 -2.00 -29.19
N ASN A 439 17.78 -2.22 -28.01
CA ASN A 439 19.02 -2.97 -27.83
C ASN A 439 18.75 -4.39 -27.37
N SER A 440 19.17 -5.36 -28.18
CA SER A 440 18.97 -6.78 -27.87
C SER A 440 20.25 -7.46 -27.40
N PHE A 441 20.16 -8.15 -26.26
CA PHE A 441 21.28 -8.88 -25.65
C PHE A 441 20.96 -10.37 -25.55
N GLY A 442 21.95 -11.19 -25.83
CA GLY A 442 21.78 -12.63 -25.73
C GLY A 442 20.97 -13.29 -26.83
N TYR A 443 20.46 -12.52 -27.79
CA TYR A 443 19.69 -13.09 -28.87
C TYR A 443 20.32 -12.79 -30.20
N ASP A 444 19.89 -13.54 -31.21
CA ASP A 444 20.36 -13.35 -32.59
C ASP A 444 19.48 -12.34 -33.31
N SER A 445 18.52 -11.77 -32.59
CA SER A 445 17.62 -10.80 -33.20
C SER A 445 17.21 -9.72 -32.21
N ALA A 446 16.79 -8.58 -32.75
CA ALA A 446 16.30 -7.45 -31.97
C ALA A 446 14.87 -7.33 -32.49
N ALA A 447 13.94 -6.87 -31.65
CA ALA A 447 12.55 -6.79 -32.09
C ALA A 447 11.73 -5.70 -31.47
N ILE A 448 10.79 -5.22 -32.26
CA ILE A 448 9.83 -4.22 -31.82
C ILE A 448 8.50 -4.89 -32.20
N LYS A 449 7.79 -5.38 -31.19
CA LYS A 449 6.54 -6.08 -31.40
C LYS A 449 5.32 -5.23 -31.12
N LEU A 450 4.20 -5.57 -31.76
CA LEU A 450 2.94 -4.87 -31.57
C LEU A 450 1.89 -5.88 -31.15
N ARG A 451 1.08 -5.53 -30.16
CA ARG A 451 0.04 -6.42 -29.67
C ARG A 451 -1.24 -5.63 -29.45
N ILE A 452 -2.30 -6.03 -30.15
CA ILE A 452 -3.60 -5.39 -30.04
C ILE A 452 -4.37 -6.29 -29.07
N HIS A 453 -4.54 -5.83 -27.84
CA HIS A 453 -5.20 -6.66 -26.84
C HIS A 453 -6.63 -7.06 -27.17
N LYS A 454 -7.29 -6.26 -28.00
CA LYS A 454 -8.65 -6.52 -28.45
C LYS A 454 -8.67 -7.75 -29.37
N LEU A 455 -7.58 -7.95 -30.10
CA LEU A 455 -7.46 -9.09 -31.00
C LEU A 455 -7.02 -10.32 -30.20
N SER A 456 -5.95 -10.14 -29.42
CA SER A 456 -5.41 -11.20 -28.56
C SER A 456 -4.51 -10.62 -27.49
N LYS A 457 -4.68 -11.09 -26.27
CA LYS A 457 -3.86 -10.64 -25.15
C LYS A 457 -2.60 -11.48 -25.05
N THR A 458 -2.56 -12.62 -25.74
CA THR A 458 -1.40 -13.50 -25.66
C THR A 458 -0.49 -13.60 -26.89
N LEU A 459 -0.96 -13.12 -28.03
CA LEU A 459 -0.17 -13.20 -29.26
C LEU A 459 0.10 -11.82 -29.83
N ASP A 460 1.34 -11.62 -30.28
CA ASP A 460 1.69 -10.36 -30.92
C ASP A 460 1.09 -10.36 -32.34
N SER A 461 0.53 -9.23 -32.75
CA SER A 461 -0.12 -9.12 -34.05
C SER A 461 0.81 -8.75 -35.22
N GLY A 462 1.97 -8.20 -34.90
CA GLY A 462 2.91 -7.81 -35.93
C GLY A 462 4.24 -7.49 -35.26
N ALA A 463 5.27 -7.35 -36.08
CA ALA A 463 6.59 -7.05 -35.55
C ALA A 463 7.56 -6.52 -36.59
N LEU A 464 8.55 -5.79 -36.10
CA LEU A 464 9.65 -5.28 -36.91
C LEU A 464 10.88 -5.97 -36.24
N TYR A 465 11.53 -6.87 -36.96
CA TYR A 465 12.69 -7.59 -36.44
C TYR A 465 13.95 -7.24 -37.20
N SER A 466 15.07 -7.52 -36.55
CA SER A 466 16.38 -7.39 -37.17
C SER A 466 17.04 -8.72 -36.74
N HIS A 467 17.44 -9.54 -37.72
CA HIS A 467 18.05 -10.84 -37.42
C HIS A 467 19.45 -10.95 -38.02
N ILE A 468 20.34 -11.62 -37.30
CA ILE A 468 21.71 -11.83 -37.77
C ILE A 468 21.78 -12.72 -39.02
N ASN A 469 22.61 -12.31 -39.98
CA ASN A 469 22.86 -13.11 -41.19
C ASN A 469 24.23 -13.73 -40.94
N GLY A 470 24.29 -15.05 -40.95
CA GLY A 470 25.56 -15.72 -40.71
C GLY A 470 25.78 -15.83 -39.21
N GLY A 471 26.81 -15.15 -38.70
CA GLY A 471 27.07 -15.20 -37.28
C GLY A 471 27.54 -13.88 -36.72
N ALA A 472 27.90 -13.89 -35.45
CA ALA A 472 28.38 -12.69 -34.77
C ALA A 472 29.54 -12.12 -35.59
N GLY A 473 29.59 -10.79 -35.68
CA GLY A 473 30.64 -10.13 -36.42
C GLY A 473 30.57 -10.23 -37.93
N SER A 474 29.45 -10.72 -38.46
CA SER A 474 29.30 -10.84 -39.91
C SER A 474 29.07 -9.47 -40.55
N GLY A 475 28.67 -8.50 -39.73
CA GLY A 475 28.37 -7.17 -40.24
C GLY A 475 27.17 -7.19 -41.16
N SER A 476 26.32 -8.21 -41.02
CA SER A 476 25.14 -8.35 -41.87
C SER A 476 23.92 -8.84 -41.07
N ALA A 477 22.75 -8.31 -41.42
CA ALA A 477 21.50 -8.67 -40.77
C ALA A 477 20.36 -8.39 -41.75
N TYR A 478 19.22 -8.99 -41.50
CA TYR A 478 18.06 -8.75 -42.35
C TYR A 478 16.92 -8.23 -41.49
N THR A 479 16.18 -7.29 -42.06
CA THR A 479 15.06 -6.66 -41.39
C THR A 479 13.79 -7.34 -41.89
N GLN A 480 12.85 -7.59 -40.99
CA GLN A 480 11.63 -8.28 -41.36
C GLN A 480 10.42 -7.62 -40.74
N LEU A 481 9.39 -7.39 -41.56
CA LEU A 481 8.14 -6.76 -41.14
C LEU A 481 7.08 -7.86 -41.23
N THR A 482 6.45 -8.19 -40.10
CA THR A 482 5.49 -9.30 -40.07
C THR A 482 4.05 -8.97 -39.68
N ALA A 483 3.17 -9.93 -39.92
CA ALA A 483 1.75 -9.83 -39.57
C ALA A 483 1.22 -11.23 -39.19
N ILE A 484 0.33 -11.28 -38.21
CA ILE A 484 -0.27 -12.53 -37.76
C ILE A 484 -1.39 -12.95 -38.71
N SER A 485 -1.51 -14.25 -38.93
CA SER A 485 -2.57 -14.79 -39.76
C SER A 485 -2.87 -16.18 -39.24
N GLY A 486 -4.16 -16.49 -39.13
CA GLY A 486 -4.59 -17.79 -38.62
C GLY A 486 -4.08 -18.06 -37.23
N SER A 487 -4.00 -17.01 -36.42
CA SER A 487 -3.51 -17.09 -35.03
C SER A 487 -2.07 -17.55 -34.93
N THR A 488 -1.31 -17.41 -36.01
CA THR A 488 0.09 -17.80 -36.02
C THR A 488 0.90 -16.52 -36.17
N PRO A 489 1.52 -16.07 -35.07
CA PRO A 489 2.31 -14.83 -35.16
C PRO A 489 3.41 -14.91 -36.22
N ASP A 490 3.67 -13.78 -36.88
CA ASP A 490 4.70 -13.68 -37.91
C ASP A 490 4.47 -14.60 -39.11
N ALA A 491 3.20 -14.97 -39.32
CA ALA A 491 2.83 -15.86 -40.42
C ALA A 491 3.17 -15.32 -41.81
N VAL A 492 3.02 -14.01 -42.01
CA VAL A 492 3.28 -13.36 -43.30
C VAL A 492 4.32 -12.26 -43.09
N SER A 493 5.31 -12.15 -43.99
CA SER A 493 6.32 -11.11 -43.80
C SER A 493 7.08 -10.66 -45.03
N LEU A 494 7.57 -9.42 -44.97
CA LEU A 494 8.37 -8.82 -46.01
C LEU A 494 9.78 -8.75 -45.40
N LYS A 495 10.81 -9.14 -46.15
CA LYS A 495 12.17 -9.11 -45.62
C LYS A 495 13.05 -8.26 -46.50
N VAL A 496 14.06 -7.66 -45.88
CA VAL A 496 15.06 -6.83 -46.55
C VAL A 496 16.45 -7.38 -46.16
N ASN A 497 17.23 -7.83 -47.15
CA ASN A 497 18.59 -8.34 -46.94
C ASN A 497 18.74 -9.75 -46.36
N HIS A 498 17.76 -10.62 -46.58
CA HIS A 498 17.86 -11.97 -46.08
C HIS A 498 19.08 -12.63 -46.75
N LYS A 499 19.91 -13.31 -45.94
CA LYS A 499 21.15 -13.96 -46.43
C LYS A 499 22.06 -13.00 -47.15
N ASP A 500 22.00 -11.73 -46.75
CA ASP A 500 22.81 -10.66 -47.30
C ASP A 500 22.65 -10.53 -48.83
N CYS A 501 21.48 -10.90 -49.34
CA CYS A 501 21.20 -10.81 -50.78
C CYS A 501 20.96 -9.37 -51.26
N ARG A 502 20.75 -8.46 -50.31
CA ARG A 502 20.54 -7.03 -50.60
C ARG A 502 19.29 -6.72 -51.41
N GLY A 503 18.30 -7.60 -51.32
CA GLY A 503 17.05 -7.40 -52.03
C GLY A 503 15.87 -7.59 -51.10
N ALA A 504 14.68 -7.16 -51.53
CA ALA A 504 13.48 -7.31 -50.71
C ALA A 504 12.70 -8.54 -51.14
N GLU A 505 12.34 -9.39 -50.18
CA GLU A 505 11.54 -10.58 -50.44
C GLU A 505 10.12 -10.14 -50.13
N ILE A 506 9.26 -10.19 -51.14
CA ILE A 506 7.88 -9.72 -51.05
C ILE A 506 6.83 -10.83 -51.09
N PRO A 507 5.93 -10.88 -50.10
CA PRO A 507 4.90 -11.93 -50.08
C PRO A 507 3.74 -11.62 -51.05
N PHE A 508 3.23 -12.64 -51.74
CA PHE A 508 2.11 -12.44 -52.67
C PHE A 508 0.92 -13.33 -52.27
N VAL A 509 -0.29 -12.91 -52.65
CA VAL A 509 -1.51 -13.66 -52.36
C VAL A 509 -1.32 -15.03 -53.06
N PRO A 510 -1.43 -16.13 -52.28
CA PRO A 510 -1.26 -17.49 -52.79
C PRO A 510 -2.28 -17.97 -53.82
N ASP A 511 -3.30 -17.15 -54.08
CA ASP A 511 -4.33 -17.55 -55.04
C ASP A 511 -4.82 -16.29 -55.73
N ILE A 512 -5.92 -16.42 -56.46
CA ILE A 512 -6.50 -15.30 -57.16
C ILE A 512 -7.00 -14.32 -56.10
N ALA A 513 -6.48 -13.10 -56.16
CA ALA A 513 -6.83 -12.06 -55.22
C ALA A 513 -8.21 -11.51 -55.57
N SER A 514 -9.05 -11.44 -54.55
CA SER A 514 -10.39 -10.91 -54.70
C SER A 514 -10.30 -9.38 -54.80
N ASP A 515 -11.27 -8.76 -55.47
CA ASP A 515 -11.30 -7.31 -55.63
C ASP A 515 -11.15 -6.53 -54.34
N ASP A 516 -11.78 -7.01 -53.28
CA ASP A 516 -11.74 -6.33 -52.00
C ASP A 516 -10.45 -6.45 -51.19
N PHE A 517 -9.49 -7.22 -51.69
CA PHE A 517 -8.21 -7.37 -50.99
C PHE A 517 -7.38 -6.12 -51.04
N ILE A 518 -7.48 -5.35 -52.11
CA ILE A 518 -6.72 -4.12 -52.24
C ILE A 518 -7.45 -2.99 -51.50
N LYS A 519 -6.68 -2.18 -50.78
CA LYS A 519 -7.23 -1.12 -49.97
C LYS A 519 -7.20 0.27 -50.59
N ASP A 520 -6.01 0.74 -50.96
CA ASP A 520 -5.83 2.07 -51.50
C ASP A 520 -5.59 2.21 -53.00
N SER A 521 -5.94 3.38 -53.52
CA SER A 521 -5.74 3.72 -54.93
C SER A 521 -4.25 3.89 -55.20
N SER A 522 -3.86 3.65 -56.45
CA SER A 522 -2.48 3.79 -56.85
C SER A 522 -1.55 2.81 -56.09
N CYS A 523 -2.04 1.59 -55.89
CA CYS A 523 -1.30 0.52 -55.23
C CYS A 523 -1.56 -0.74 -56.03
N PHE A 524 -0.66 -1.70 -55.97
CA PHE A 524 -0.87 -2.96 -56.66
C PHE A 524 -0.60 -4.07 -55.66
N LEU A 525 -1.28 -5.20 -55.84
CA LEU A 525 -1.17 -6.35 -54.97
C LEU A 525 -0.88 -7.60 -55.79
N PRO A 526 0.36 -8.11 -55.72
CA PRO A 526 0.71 -9.31 -56.49
C PRO A 526 -0.02 -10.55 -56.00
N TYR A 527 -0.44 -11.40 -56.95
CA TYR A 527 -1.11 -12.64 -56.63
C TYR A 527 -0.73 -13.76 -57.59
N TRP A 528 -0.86 -14.99 -57.10
CA TRP A 528 -0.49 -16.16 -57.87
C TRP A 528 -1.59 -16.72 -58.75
N GLU A 529 -1.24 -17.00 -60.00
CA GLU A 529 -2.16 -17.63 -60.96
C GLU A 529 -1.46 -18.96 -61.27
N ASN A 530 -1.83 -19.97 -60.50
CA ASN A 530 -1.22 -21.28 -60.62
C ASN A 530 -1.39 -21.98 -61.97
N ASN A 531 -2.52 -21.81 -62.63
CA ASN A 531 -2.75 -22.48 -63.90
C ASN A 531 -1.93 -21.95 -65.08
N SER A 532 -1.07 -20.96 -64.83
CA SER A 532 -0.23 -20.45 -65.91
C SER A 532 1.19 -20.17 -65.40
N THR A 533 1.42 -20.48 -64.12
CA THR A 533 2.72 -20.24 -63.48
C THR A 533 3.11 -18.77 -63.68
N SER A 534 2.18 -17.90 -63.34
CA SER A 534 2.41 -16.48 -63.49
C SER A 534 2.01 -15.69 -62.26
N LEU A 535 2.66 -14.54 -62.08
CA LEU A 535 2.33 -13.62 -61.01
C LEU A 535 1.50 -12.57 -61.72
N LYS A 536 0.36 -12.24 -61.15
CA LYS A 536 -0.51 -11.22 -61.71
C LYS A 536 -0.49 -10.09 -60.71
N ALA A 537 -1.13 -8.98 -61.04
CA ALA A 537 -1.19 -7.85 -60.14
C ALA A 537 -2.58 -7.20 -60.15
N LEU A 538 -3.22 -7.20 -58.99
CA LEU A 538 -4.50 -6.54 -58.84
C LEU A 538 -4.05 -5.10 -58.62
N VAL A 539 -4.48 -4.22 -59.52
CA VAL A 539 -4.11 -2.82 -59.49
C VAL A 539 -5.30 -1.90 -59.28
N LYS A 540 -5.17 -0.99 -58.33
CA LYS A 540 -6.21 -0.01 -58.12
C LYS A 540 -5.57 1.25 -58.68
N LYS A 541 -6.05 1.65 -59.86
CA LYS A 541 -5.54 2.82 -60.55
C LYS A 541 -5.72 4.08 -59.72
N PRO A 542 -4.98 5.15 -60.04
CA PRO A 542 -5.09 6.40 -59.28
C PRO A 542 -6.55 6.88 -59.21
N ASN A 543 -7.36 6.58 -60.22
CA ASN A 543 -8.77 6.96 -60.23
C ASN A 543 -9.71 6.03 -59.48
N GLY A 544 -9.16 5.01 -58.85
CA GLY A 544 -9.97 4.06 -58.09
C GLY A 544 -10.44 2.83 -58.83
N GLU A 545 -10.30 2.81 -60.15
CA GLU A 545 -10.73 1.65 -60.91
C GLU A 545 -9.74 0.49 -60.77
N LEU A 546 -10.27 -0.72 -60.77
CA LEU A 546 -9.46 -1.93 -60.64
C LEU A 546 -9.14 -2.50 -62.02
N VAL A 547 -7.93 -3.02 -62.16
CA VAL A 547 -7.50 -3.66 -63.39
C VAL A 547 -6.55 -4.78 -62.96
N ARG A 548 -6.53 -5.88 -63.71
CA ARG A 548 -5.65 -6.99 -63.38
C ARG A 548 -4.61 -7.08 -64.49
N LEU A 549 -3.35 -7.03 -64.11
CA LEU A 549 -2.28 -7.06 -65.07
C LEU A 549 -1.37 -8.26 -64.83
N THR A 550 -0.56 -8.59 -65.84
CA THR A 550 0.39 -9.66 -65.73
C THR A 550 1.68 -9.02 -65.21
N LEU A 551 2.18 -9.56 -64.10
CA LEU A 551 3.38 -9.03 -63.46
C LEU A 551 4.68 -9.79 -63.81
N ALA A 552 4.62 -11.12 -63.75
CA ALA A 552 5.80 -11.93 -64.05
C ALA A 552 5.39 -13.23 -64.72
N THR A 553 6.20 -13.68 -65.67
CA THR A 553 5.90 -14.90 -66.42
C THR A 553 7.15 -15.72 -66.72
N LEU A 554 6.93 -16.95 -67.16
CA LEU A 554 8.03 -17.84 -67.55
C LEU A 554 8.71 -17.30 -68.81
#